data_6RY7
#
_entry.id   6RY7
#
_cell.length_a   83.356
_cell.length_b   54.879
_cell.length_c   80.095
_cell.angle_alpha   90.00
_cell.angle_beta   90.45
_cell.angle_gamma   90.00
#
_symmetry.space_group_name_H-M   'C 1 2 1'
#
loop_
_entity.id
_entity.type
_entity.pdbx_description
1 polymer 'Mannan endo-1,6-alpha-mannosidase'
2 branched beta-D-glucopyranose-(1-3)-beta-D-glucopyranose
3 non-polymer 'CALCIUM ION'
4 non-polymer 'TRIETHYLENE GLYCOL'
5 water water
#
_entity_poly.entity_id   1
_entity_poly.type   'polypeptide(L)'
_entity_poly.pdbx_seq_one_letter_code
;MGSSHHHHHHSSGLVPRGSHMASQQQYYKIDTKEEILESARTLAYDMMLFYKGNQSGEIPGILPGPPTEHKGDYYWWEGG
AMMGTYVDYWHLTGDPSYNHVIMEGMLHQVGPNADYQPPNHTASLGNDDQGFWGMSAMLAAENKFPNPPDDKPQWLALAQ
AVWTTQASPERHDGTCNGGLRWQIPPTNAGYNYKNTIANACFFDLGARLARYTKNNTYAEWAEKIFDWLYAVGYIDHETW
AVYDGGHVEHNCTDINRAQFSYNAALLLHGAAFMWNYTEDQKWKDRVDNLLTGILRDFFKDGVVFEIPCEGRQGACTADM
LTFKGYVHRWMAVVTQIAPHTKDRILPVLRTSAEAAVKQCVGPPTGRRCGFYWKSGKFVDPSVDHTSGAGEAMSVLAAVS
SLLIEYAEPPATNETGISRGDPNAGMRSRGAAQHFREINAGDR
;
_entity_poly.pdbx_strand_id   A
#
loop_
_chem_comp.id
_chem_comp.type
_chem_comp.name
_chem_comp.formula
BGC D-saccharide, beta linking beta-D-glucopyranose 'C6 H12 O6'
CA non-polymer 'CALCIUM ION' 'Ca 2'
PGE non-polymer 'TRIETHYLENE GLYCOL' 'C6 H14 O4'
#
# COMPACT_ATOMS: atom_id res chain seq x y z
N GLN A 26 9.57 -19.86 19.75
CA GLN A 26 8.72 -18.83 19.17
C GLN A 26 7.96 -18.07 20.24
N TYR A 27 7.90 -16.75 20.12
CA TYR A 27 7.23 -15.92 21.11
C TYR A 27 5.75 -15.73 20.82
N TYR A 28 5.40 -15.40 19.59
CA TYR A 28 4.02 -15.14 19.23
C TYR A 28 3.31 -16.42 18.83
N LYS A 29 2.10 -16.61 19.35
CA LYS A 29 1.24 -17.74 18.99
C LYS A 29 0.16 -17.25 18.04
N ILE A 30 -0.17 -18.08 17.04
CA ILE A 30 -1.17 -17.68 16.06
C ILE A 30 -2.08 -18.84 15.67
N ASP A 31 -2.31 -19.79 16.58
CA ASP A 31 -3.06 -20.97 16.19
C ASP A 31 -4.56 -20.83 16.34
N THR A 32 -5.03 -19.84 17.10
CA THR A 32 -6.44 -19.61 17.26
C THR A 32 -6.71 -18.12 17.09
N LYS A 33 -7.99 -17.78 16.90
CA LYS A 33 -8.36 -16.37 16.78
C LYS A 33 -7.87 -15.56 17.98
N GLU A 34 -8.06 -16.08 19.19
CA GLU A 34 -7.66 -15.34 20.38
C GLU A 34 -6.14 -15.15 20.44
N GLU A 35 -5.37 -16.15 20.04
CA GLU A 35 -3.92 -16.01 20.02
C GLU A 35 -3.50 -14.98 18.99
N ILE A 36 -4.12 -15.00 17.82
CA ILE A 36 -3.78 -14.04 16.78
C ILE A 36 -4.08 -12.63 17.26
N LEU A 37 -5.23 -12.44 17.91
CA LEU A 37 -5.57 -11.12 18.42
C LEU A 37 -4.52 -10.63 19.41
N GLU A 38 -4.09 -11.50 20.33
CA GLU A 38 -3.09 -11.10 21.30
C GLU A 38 -1.76 -10.79 20.63
N SER A 39 -1.33 -11.64 19.71
CA SER A 39 -0.08 -11.39 19.01
C SER A 39 -0.15 -10.08 18.22
N ALA A 40 -1.26 -9.86 17.52
CA ALA A 40 -1.40 -8.63 16.77
C ALA A 40 -1.35 -7.41 17.68
N ARG A 41 -1.97 -7.49 18.87
CA ARG A 41 -1.95 -6.36 19.79
C ARG A 41 -0.53 -6.03 20.21
N THR A 42 0.27 -7.06 20.51
CA THR A 42 1.65 -6.82 20.91
C THR A 42 2.49 -6.31 19.75
N LEU A 43 2.28 -6.85 18.56
CA LEU A 43 2.95 -6.35 17.37
C LEU A 43 2.59 -4.90 17.09
N ALA A 44 1.34 -4.52 17.34
CA ALA A 44 0.92 -3.13 17.13
C ALA A 44 1.63 -2.21 18.12
N TYR A 45 1.82 -2.68 19.35
CA TYR A 45 2.61 -1.95 20.33
C TYR A 45 4.05 -1.77 19.86
N ASP A 46 4.70 -2.86 19.44
CA ASP A 46 6.10 -2.78 19.07
C ASP A 46 6.32 -1.88 17.85
N MET A 47 5.40 -1.90 16.87
N MET A 47 5.41 -1.94 16.86
CA MET A 47 5.52 -0.98 15.75
CA MET A 47 5.54 -1.05 15.71
C MET A 47 5.37 0.46 16.23
C MET A 47 5.36 0.40 16.12
N MET A 48 4.40 0.70 17.12
N MET A 48 4.45 0.65 17.07
CA MET A 48 4.13 2.08 17.56
CA MET A 48 4.20 2.03 17.49
C MET A 48 5.32 2.66 18.32
C MET A 48 5.40 2.64 18.19
N LEU A 49 6.21 1.83 18.87
CA LEU A 49 7.41 2.37 19.50
C LEU A 49 8.31 3.12 18.53
N PHE A 50 8.29 2.78 17.24
CA PHE A 50 9.11 3.50 16.27
C PHE A 50 8.57 4.90 15.99
N TYR A 51 7.28 5.12 16.23
CA TYR A 51 6.59 6.33 15.83
C TYR A 51 6.58 7.34 16.97
N LYS A 52 7.06 8.55 16.69
CA LYS A 52 7.15 9.61 17.69
C LYS A 52 6.18 10.74 17.42
N GLY A 53 5.38 10.63 16.35
CA GLY A 53 4.69 11.80 15.84
C GLY A 53 3.59 12.33 16.73
N ASN A 54 3.12 11.53 17.68
CA ASN A 54 2.12 11.97 18.62
C ASN A 54 2.72 12.63 19.85
N GLN A 55 4.05 12.72 19.94
CA GLN A 55 4.70 13.32 21.10
C GLN A 55 4.92 14.80 20.88
N SER A 56 4.98 15.53 21.99
CA SER A 56 5.15 16.97 21.92
C SER A 56 6.40 17.32 21.12
N GLY A 57 6.27 18.29 20.22
CA GLY A 57 7.37 18.75 19.42
C GLY A 57 7.67 17.93 18.18
N GLU A 58 6.93 16.86 17.94
CA GLU A 58 7.17 16.00 16.80
C GLU A 58 6.07 16.21 15.77
N ILE A 59 6.27 15.61 14.60
CA ILE A 59 5.41 15.83 13.44
C ILE A 59 4.48 14.62 13.29
N PRO A 60 3.17 14.78 13.43
CA PRO A 60 2.30 13.63 13.23
C PRO A 60 2.34 13.12 11.80
N GLY A 61 2.20 11.81 11.68
CA GLY A 61 2.01 11.15 10.41
C GLY A 61 3.25 10.61 9.77
N ILE A 62 4.43 10.89 10.32
CA ILE A 62 5.66 10.38 9.74
C ILE A 62 6.43 9.55 10.74
N LEU A 63 7.15 8.58 10.21
CA LEU A 63 8.20 7.88 10.94
C LEU A 63 9.46 8.74 10.92
N PRO A 64 10.46 8.41 11.74
CA PRO A 64 11.67 9.23 11.77
C PRO A 64 12.35 9.28 10.40
N GLY A 65 12.72 10.49 9.98
CA GLY A 65 13.32 10.67 8.68
C GLY A 65 13.01 12.06 8.18
N PRO A 66 13.35 12.36 6.93
CA PRO A 66 13.94 11.44 5.95
C PRO A 66 15.44 11.25 6.11
N PRO A 67 15.97 10.18 5.52
CA PRO A 67 17.42 9.93 5.65
C PRO A 67 18.25 10.97 4.96
N THR A 68 17.69 11.71 4.00
CA THR A 68 18.43 12.80 3.37
C THR A 68 18.74 13.94 4.34
N GLU A 69 17.98 14.06 5.43
CA GLU A 69 18.24 15.05 6.47
C GLU A 69 18.87 14.41 7.69
N HIS A 70 19.21 13.13 7.63
CA HIS A 70 19.82 12.43 8.75
C HIS A 70 18.96 12.52 10.00
N LYS A 71 17.65 12.48 9.79
CA LYS A 71 16.69 12.49 10.88
C LYS A 71 16.14 11.11 11.19
N GLY A 72 16.51 10.12 10.40
CA GLY A 72 15.98 8.78 10.55
C GLY A 72 15.98 8.08 9.22
N ASP A 73 15.46 6.85 9.22
CA ASP A 73 15.62 5.94 8.10
C ASP A 73 14.54 6.05 7.04
N TYR A 74 13.43 6.72 7.31
CA TYR A 74 12.19 6.48 6.58
C TYR A 74 11.71 7.72 5.86
N TYR A 75 11.13 7.50 4.68
CA TYR A 75 10.53 8.58 3.90
C TYR A 75 9.06 8.75 4.24
N TRP A 76 8.56 9.94 3.89
CA TRP A 76 7.19 10.37 4.17
C TRP A 76 6.15 9.35 3.75
N TRP A 77 6.27 8.77 2.56
CA TRP A 77 5.24 7.83 2.11
C TRP A 77 5.10 6.66 3.07
N GLU A 78 6.19 6.27 3.75
CA GLU A 78 6.12 5.13 4.65
C GLU A 78 5.30 5.46 5.88
N GLY A 79 5.21 6.73 6.24
CA GLY A 79 4.26 7.15 7.25
C GLY A 79 2.85 6.89 6.80
N GLY A 80 2.55 7.19 5.54
CA GLY A 80 1.23 6.90 5.01
C GLY A 80 0.93 5.42 5.01
N ALA A 81 1.93 4.61 4.67
CA ALA A 81 1.77 3.16 4.72
C ALA A 81 1.49 2.70 6.14
N MET A 82 2.20 3.26 7.11
CA MET A 82 1.93 2.92 8.51
C MET A 82 0.49 3.27 8.88
N MET A 83 0.02 4.46 8.50
CA MET A 83 -1.33 4.84 8.84
C MET A 83 -2.32 3.80 8.32
N GLY A 84 -2.16 3.41 7.06
CA GLY A 84 -3.05 2.42 6.50
C GLY A 84 -2.98 1.09 7.22
N THR A 85 -1.77 0.69 7.61
CA THR A 85 -1.61 -0.56 8.35
C THR A 85 -2.45 -0.54 9.62
N TYR A 86 -2.52 0.61 10.32
CA TYR A 86 -3.29 0.70 11.55
C TYR A 86 -4.78 0.85 11.30
N VAL A 87 -5.18 1.48 10.21
CA VAL A 87 -6.59 1.45 9.82
C VAL A 87 -7.04 0.01 9.63
N ASP A 88 -6.22 -0.78 8.93
CA ASP A 88 -6.53 -2.20 8.78
C ASP A 88 -6.47 -2.93 10.11
N TYR A 89 -5.47 -2.64 10.95
CA TYR A 89 -5.37 -3.29 12.26
C TYR A 89 -6.65 -3.17 13.05
N TRP A 90 -7.19 -1.96 13.15
CA TRP A 90 -8.44 -1.79 13.87
C TRP A 90 -9.59 -2.52 13.20
N HIS A 91 -9.67 -2.46 11.87
CA HIS A 91 -10.73 -3.15 11.15
C HIS A 91 -10.68 -4.65 11.39
N LEU A 92 -9.48 -5.22 11.47
CA LEU A 92 -9.32 -6.67 11.57
C LEU A 92 -9.44 -7.18 12.99
N THR A 93 -9.06 -6.37 13.98
CA THR A 93 -9.01 -6.83 15.36
C THR A 93 -10.09 -6.23 16.25
N GLY A 94 -10.67 -5.11 15.86
CA GLY A 94 -11.57 -4.38 16.72
C GLY A 94 -10.91 -3.52 17.78
N ASP A 95 -9.59 -3.48 17.83
CA ASP A 95 -8.89 -2.73 18.85
C ASP A 95 -8.75 -1.28 18.39
N PRO A 96 -9.39 -0.32 19.05
CA PRO A 96 -9.33 1.09 18.61
C PRO A 96 -8.27 1.91 19.31
N SER A 97 -7.37 1.25 20.05
CA SER A 97 -6.43 1.94 20.91
C SER A 97 -5.64 3.03 20.19
N TYR A 98 -5.26 2.81 18.93
CA TYR A 98 -4.41 3.75 18.21
C TYR A 98 -5.20 4.66 17.28
N ASN A 99 -6.52 4.56 17.26
CA ASN A 99 -7.28 5.30 16.24
C ASN A 99 -7.05 6.80 16.31
N HIS A 100 -6.97 7.38 17.52
CA HIS A 100 -6.77 8.83 17.62
C HIS A 100 -5.41 9.24 17.07
N VAL A 101 -4.37 8.46 17.34
CA VAL A 101 -3.04 8.76 16.84
C VAL A 101 -3.04 8.71 15.31
N ILE A 102 -3.72 7.72 14.75
CA ILE A 102 -3.74 7.54 13.30
C ILE A 102 -4.56 8.63 12.64
N MET A 103 -5.70 8.99 13.22
CA MET A 103 -6.47 10.09 12.65
CA MET A 103 -6.49 10.12 12.73
C MET A 103 -5.63 11.37 12.63
N GLU A 104 -4.92 11.67 13.73
CA GLU A 104 -4.09 12.88 13.77
C GLU A 104 -3.01 12.84 12.70
N GLY A 105 -2.35 11.70 12.55
CA GLY A 105 -1.30 11.60 11.54
C GLY A 105 -1.82 11.75 10.13
N MET A 106 -2.92 11.07 9.82
CA MET A 106 -3.54 11.18 8.51
CA MET A 106 -3.51 11.18 8.49
C MET A 106 -3.93 12.62 8.19
N LEU A 107 -4.54 13.30 9.15
CA LEU A 107 -5.01 14.66 8.91
C LEU A 107 -3.86 15.67 8.82
N HIS A 108 -2.76 15.41 9.52
CA HIS A 108 -1.69 16.39 9.53
C HIS A 108 -0.99 16.49 8.18
N GLN A 109 -1.04 15.44 7.37
CA GLN A 109 -0.25 15.37 6.14
C GLN A 109 -1.03 15.71 4.88
N VAL A 110 -2.28 16.19 5.01
CA VAL A 110 -3.13 16.37 3.85
C VAL A 110 -2.71 17.54 2.97
N GLY A 111 -1.95 18.50 3.48
CA GLY A 111 -1.57 19.67 2.73
C GLY A 111 -2.65 20.72 2.70
N PRO A 112 -2.28 21.95 2.30
CA PRO A 112 -3.27 23.04 2.28
C PRO A 112 -4.44 22.80 1.37
N ASN A 113 -4.27 22.00 0.32
CA ASN A 113 -5.33 21.76 -0.64
C ASN A 113 -5.98 20.39 -0.45
N ALA A 114 -5.74 19.75 0.70
CA ALA A 114 -6.47 18.53 1.06
C ALA A 114 -6.33 17.48 -0.04
N ASP A 115 -5.08 17.26 -0.48
CA ASP A 115 -4.78 16.41 -1.61
C ASP A 115 -3.53 15.59 -1.42
N TYR A 116 -3.01 15.54 -0.19
CA TYR A 116 -1.77 14.82 0.11
C TYR A 116 -0.60 15.31 -0.76
N GLN A 117 -0.55 16.62 -1.01
CA GLN A 117 0.60 17.26 -1.63
C GLN A 117 1.13 18.39 -0.75
N PRO A 118 1.48 18.11 0.49
CA PRO A 118 2.05 19.16 1.33
C PRO A 118 3.36 19.64 0.73
N PRO A 119 3.54 20.95 0.55
CA PRO A 119 4.69 21.40 -0.24
C PRO A 119 6.01 21.21 0.46
N ASN A 120 6.00 21.10 1.78
CA ASN A 120 7.26 20.89 2.46
C ASN A 120 7.90 19.60 1.99
N HIS A 121 7.11 18.68 1.41
CA HIS A 121 7.56 17.36 0.99
C HIS A 121 7.72 17.21 -0.52
N THR A 122 7.88 18.32 -1.23
CA THR A 122 8.01 18.28 -2.69
C THR A 122 9.09 17.30 -3.14
N ALA A 123 10.20 17.23 -2.40
CA ALA A 123 11.33 16.43 -2.85
C ALA A 123 11.03 14.94 -2.91
N SER A 124 10.06 14.45 -2.14
CA SER A 124 9.68 13.04 -2.25
C SER A 124 8.28 12.87 -2.80
N LEU A 125 7.80 13.86 -3.55
CA LEU A 125 6.44 13.82 -4.08
C LEU A 125 6.41 13.11 -5.43
N GLY A 126 6.42 11.82 -5.34
CA GLY A 126 6.03 11.01 -6.45
C GLY A 126 4.55 10.71 -6.45
N ASN A 127 4.06 10.26 -7.60
CA ASN A 127 2.68 9.80 -7.68
C ASN A 127 2.45 8.60 -6.77
N ASP A 128 3.46 7.76 -6.61
CA ASP A 128 3.33 6.66 -5.67
C ASP A 128 3.27 7.15 -4.23
N ASP A 129 4.10 8.13 -3.86
CA ASP A 129 4.09 8.62 -2.49
C ASP A 129 2.72 9.19 -2.16
N GLN A 130 2.23 10.09 -3.01
CA GLN A 130 0.90 10.65 -2.85
C GLN A 130 -0.16 9.55 -2.88
N GLY A 131 0.03 8.61 -3.78
CA GLY A 131 -0.89 7.51 -3.94
C GLY A 131 -1.06 6.66 -2.70
N PHE A 132 0.05 6.37 -1.99
CA PHE A 132 -0.06 5.57 -0.78
C PHE A 132 -0.88 6.28 0.29
N TRP A 133 -0.74 7.59 0.42
CA TRP A 133 -1.59 8.32 1.35
C TRP A 133 -3.05 8.28 0.89
N GLY A 134 -3.29 8.48 -0.40
CA GLY A 134 -4.63 8.37 -0.92
C GLY A 134 -5.25 7.01 -0.68
N MET A 135 -4.46 5.95 -0.85
N MET A 135 -4.45 5.96 -0.83
CA MET A 135 -4.92 4.59 -0.57
CA MET A 135 -4.92 4.60 -0.59
C MET A 135 -5.27 4.42 0.89
C MET A 135 -5.24 4.37 0.89
N SER A 136 -4.49 4.99 1.81
CA SER A 136 -4.84 4.88 3.22
C SER A 136 -6.16 5.59 3.52
N ALA A 137 -6.41 6.73 2.86
CA ALA A 137 -7.69 7.42 3.03
C ALA A 137 -8.83 6.59 2.45
N MET A 138 -8.60 5.98 1.28
CA MET A 138 -9.59 5.11 0.69
C MET A 138 -9.91 3.95 1.62
N LEU A 139 -8.87 3.37 2.23
CA LEU A 139 -9.05 2.26 3.17
C LEU A 139 -9.84 2.69 4.38
N ALA A 140 -9.58 3.90 4.87
CA ALA A 140 -10.36 4.42 5.98
C ALA A 140 -11.84 4.51 5.63
N ALA A 141 -12.17 4.98 4.43
CA ALA A 141 -13.57 4.98 4.02
C ALA A 141 -14.13 3.57 3.93
N GLU A 142 -13.38 2.66 3.29
CA GLU A 142 -13.85 1.29 3.12
C GLU A 142 -14.05 0.58 4.45
N ASN A 143 -13.25 0.90 5.44
CA ASN A 143 -13.27 0.24 6.73
C ASN A 143 -14.16 0.96 7.74
N LYS A 144 -14.79 2.05 7.34
CA LYS A 144 -15.63 2.83 8.25
C LYS A 144 -14.82 3.34 9.44
N PHE A 145 -13.56 3.69 9.18
CA PHE A 145 -12.73 4.30 10.22
C PHE A 145 -13.41 5.59 10.67
N PRO A 146 -13.38 5.92 11.96
CA PRO A 146 -14.10 7.11 12.42
C PRO A 146 -13.78 8.34 11.58
N ASN A 147 -14.81 9.14 11.30
CA ASN A 147 -14.64 10.29 10.44
C ASN A 147 -13.89 11.40 11.16
N PRO A 148 -13.07 12.16 10.45
CA PRO A 148 -12.53 13.40 11.00
C PRO A 148 -13.63 14.35 11.40
N PRO A 149 -13.30 15.36 12.21
CA PRO A 149 -14.28 16.41 12.56
C PRO A 149 -14.89 17.06 11.32
N ASP A 150 -16.04 17.69 11.53
CA ASP A 150 -16.82 18.15 10.39
C ASP A 150 -16.10 19.21 9.56
N ASP A 151 -15.21 19.97 10.15
CA ASP A 151 -14.51 21.02 9.44
C ASP A 151 -13.26 20.52 8.75
N LYS A 152 -12.92 19.24 8.89
CA LYS A 152 -11.71 18.68 8.32
C LYS A 152 -12.02 17.84 7.09
N PRO A 153 -11.04 17.62 6.23
CA PRO A 153 -11.27 16.78 5.05
C PRO A 153 -11.66 15.38 5.45
N GLN A 154 -12.61 14.81 4.73
CA GLN A 154 -13.13 13.48 5.01
C GLN A 154 -12.38 12.43 4.18
N TRP A 155 -12.45 11.18 4.63
CA TRP A 155 -11.59 10.15 4.04
C TRP A 155 -11.88 9.96 2.55
N LEU A 156 -13.16 9.79 2.18
CA LEU A 156 -13.47 9.60 0.77
C LEU A 156 -13.01 10.80 -0.05
N ALA A 157 -13.26 12.01 0.46
CA ALA A 157 -12.85 13.23 -0.23
C ALA A 157 -11.34 13.29 -0.44
N LEU A 158 -10.57 12.81 0.53
CA LEU A 158 -9.12 12.81 0.38
C LEU A 158 -8.69 11.84 -0.71
N ALA A 159 -9.28 10.65 -0.74
CA ALA A 159 -8.99 9.70 -1.81
C ALA A 159 -9.37 10.29 -3.16
N GLN A 160 -10.53 10.94 -3.24
CA GLN A 160 -10.96 11.57 -4.48
C GLN A 160 -10.02 12.68 -4.91
N ALA A 161 -9.47 13.41 -3.95
CA ALA A 161 -8.54 14.49 -4.30
C ALA A 161 -7.26 13.93 -4.88
N VAL A 162 -6.71 12.88 -4.27
CA VAL A 162 -5.51 12.27 -4.82
C VAL A 162 -5.79 11.77 -6.23
N TRP A 163 -6.87 11.02 -6.40
CA TRP A 163 -7.19 10.48 -7.71
C TRP A 163 -7.38 11.59 -8.74
N THR A 164 -8.10 12.66 -8.37
CA THR A 164 -8.35 13.75 -9.30
C THR A 164 -7.05 14.42 -9.73
N THR A 165 -6.15 14.68 -8.78
CA THR A 165 -4.89 15.30 -9.19
C THR A 165 -4.08 14.36 -10.07
N GLN A 166 -4.19 13.05 -9.86
CA GLN A 166 -3.48 12.09 -10.69
C GLN A 166 -4.11 11.93 -12.06
N ALA A 167 -5.39 12.26 -12.22
CA ALA A 167 -6.07 12.26 -13.50
C ALA A 167 -5.90 13.57 -14.25
N SER A 168 -5.26 14.58 -13.65
CA SER A 168 -5.16 15.88 -14.26
C SER A 168 -4.37 15.82 -15.56
N PRO A 169 -4.75 16.61 -16.56
CA PRO A 169 -4.18 16.38 -17.90
C PRO A 169 -2.68 16.54 -17.99
N GLU A 170 -2.07 17.40 -17.17
CA GLU A 170 -0.62 17.58 -17.27
C GLU A 170 0.16 16.34 -16.81
N ARG A 171 -0.49 15.41 -16.12
CA ARG A 171 0.19 14.18 -15.70
C ARG A 171 0.07 13.07 -16.73
N HIS A 172 -0.59 13.33 -17.87
CA HIS A 172 -0.82 12.33 -18.92
C HIS A 172 -0.42 12.92 -20.26
N ASP A 173 0.86 12.83 -20.58
CA ASP A 173 1.36 13.34 -21.85
C ASP A 173 1.50 12.20 -22.87
N GLY A 174 1.98 12.53 -24.05
CA GLY A 174 2.03 11.55 -25.13
C GLY A 174 3.22 10.64 -25.12
N THR A 175 4.20 10.88 -24.26
CA THR A 175 5.36 10.00 -24.25
C THR A 175 4.90 8.61 -23.84
N CYS A 176 5.46 7.60 -24.49
CA CYS A 176 5.05 6.21 -24.27
C CYS A 176 3.56 6.01 -24.45
N ASN A 177 2.91 6.88 -25.23
CA ASN A 177 1.47 6.82 -25.48
C ASN A 177 0.64 6.95 -24.19
N GLY A 178 1.20 7.51 -23.13
CA GLY A 178 0.46 7.72 -21.91
C GLY A 178 1.21 7.20 -20.70
N GLY A 179 0.48 7.02 -19.61
CA GLY A 179 1.04 6.58 -18.33
C GLY A 179 1.52 7.74 -17.50
N LEU A 180 1.44 7.56 -16.19
CA LEU A 180 2.01 8.50 -15.24
C LEU A 180 3.52 8.34 -15.15
N ARG A 181 4.19 9.47 -14.99
CA ARG A 181 5.58 9.50 -14.57
C ARG A 181 5.67 9.23 -13.07
N TRP A 182 6.84 8.75 -12.65
CA TRP A 182 7.06 8.46 -11.25
C TRP A 182 6.87 9.70 -10.40
N GLN A 183 7.51 10.79 -10.78
CA GLN A 183 7.54 12.01 -10.01
C GLN A 183 6.48 13.01 -10.46
N ILE A 184 6.04 13.84 -9.53
CA ILE A 184 5.07 14.92 -9.82
C ILE A 184 5.81 16.17 -10.30
N PRO A 185 6.79 16.69 -9.57
CA PRO A 185 7.49 17.90 -10.05
C PRO A 185 8.41 17.57 -11.21
N PRO A 186 8.32 18.33 -12.31
CA PRO A 186 9.18 18.03 -13.47
C PRO A 186 10.67 18.11 -13.19
N THR A 187 11.08 18.82 -12.16
CA THR A 187 12.50 18.92 -11.83
C THR A 187 12.97 17.87 -10.83
N ASN A 188 12.10 16.96 -10.37
CA ASN A 188 12.55 15.90 -9.48
C ASN A 188 13.25 14.81 -10.28
N ALA A 189 14.36 14.32 -9.74
CA ALA A 189 15.02 13.16 -10.31
C ALA A 189 14.01 12.03 -10.43
N GLY A 190 13.94 11.41 -11.61
CA GLY A 190 12.99 10.36 -11.85
C GLY A 190 11.74 10.77 -12.59
N TYR A 191 11.60 12.05 -12.95
CA TYR A 191 10.45 12.48 -13.73
C TYR A 191 10.41 11.79 -15.09
N ASN A 192 11.57 11.35 -15.59
CA ASN A 192 11.65 10.66 -16.88
C ASN A 192 11.36 9.17 -16.79
N TYR A 193 11.05 8.64 -15.61
CA TYR A 193 10.79 7.23 -15.41
C TYR A 193 9.29 7.04 -15.25
N LYS A 194 8.67 6.34 -16.18
CA LYS A 194 7.27 5.98 -16.08
C LYS A 194 7.24 4.58 -15.49
N ASN A 195 6.88 4.47 -14.21
CA ASN A 195 7.03 3.22 -13.51
C ASN A 195 5.70 2.59 -13.13
N THR A 196 5.77 1.29 -12.86
CA THR A 196 4.55 0.57 -12.55
C THR A 196 3.88 1.13 -11.31
N ILE A 197 4.63 1.39 -10.26
CA ILE A 197 3.98 1.68 -8.98
C ILE A 197 3.13 2.95 -9.07
N ALA A 198 3.61 4.01 -9.74
CA ALA A 198 2.79 5.21 -9.84
C ALA A 198 1.48 4.89 -10.53
N ASN A 199 1.55 4.13 -11.61
CA ASN A 199 0.37 3.77 -12.36
C ASN A 199 -0.52 2.79 -11.62
N ALA A 200 0.08 1.88 -10.86
CA ALA A 200 -0.67 0.92 -10.06
C ALA A 200 -1.44 1.60 -8.95
N CYS A 201 -0.86 2.61 -8.32
CA CYS A 201 -1.58 3.35 -7.30
C CYS A 201 -2.80 4.05 -7.88
N PHE A 202 -2.62 4.73 -9.02
CA PHE A 202 -3.71 5.42 -9.67
C PHE A 202 -4.78 4.44 -10.12
N PHE A 203 -4.37 3.30 -10.69
CA PHE A 203 -5.29 2.24 -11.07
C PHE A 203 -6.09 1.74 -9.87
N ASP A 204 -5.40 1.41 -8.78
CA ASP A 204 -6.05 0.86 -7.60
C ASP A 204 -7.04 1.86 -7.02
N LEU A 205 -6.64 3.13 -6.92
N LEU A 205 -6.65 3.13 -6.98
CA LEU A 205 -7.57 4.14 -6.42
CA LEU A 205 -7.53 4.15 -6.42
C LEU A 205 -8.80 4.23 -7.31
C LEU A 205 -8.75 4.39 -7.31
N GLY A 206 -8.60 4.26 -8.63
CA GLY A 206 -9.75 4.37 -9.51
C GLY A 206 -10.70 3.21 -9.34
N ALA A 207 -10.15 1.99 -9.30
CA ALA A 207 -10.99 0.81 -9.12
C ALA A 207 -11.77 0.86 -7.82
N ARG A 208 -11.11 1.29 -6.75
CA ARG A 208 -11.75 1.34 -5.43
C ARG A 208 -12.76 2.46 -5.35
N LEU A 209 -12.46 3.61 -5.96
CA LEU A 209 -13.44 4.69 -5.98
C LEU A 209 -14.65 4.31 -6.80
N ALA A 210 -14.45 3.57 -7.90
CA ALA A 210 -15.61 3.10 -8.65
C ALA A 210 -16.48 2.20 -7.79
N ARG A 211 -15.89 1.22 -7.11
CA ARG A 211 -16.71 0.33 -6.31
C ARG A 211 -17.43 1.08 -5.19
N TYR A 212 -16.74 2.01 -4.53
CA TYR A 212 -17.35 2.68 -3.39
C TYR A 212 -18.49 3.59 -3.84
N THR A 213 -18.24 4.40 -4.87
CA THR A 213 -19.17 5.44 -5.27
C THR A 213 -20.15 5.01 -6.34
N LYS A 214 -19.86 3.93 -7.05
CA LYS A 214 -20.61 3.48 -8.21
C LYS A 214 -20.54 4.46 -9.37
N ASN A 215 -19.54 5.31 -9.39
CA ASN A 215 -19.34 6.24 -10.50
C ASN A 215 -18.40 5.62 -11.54
N ASN A 216 -18.91 5.49 -12.76
CA ASN A 216 -18.17 4.74 -13.76
C ASN A 216 -16.98 5.49 -14.34
N THR A 217 -16.88 6.80 -14.15
CA THR A 217 -15.71 7.50 -14.69
C THR A 217 -14.44 7.05 -14.00
N TYR A 218 -14.52 6.72 -12.71
CA TYR A 218 -13.36 6.15 -12.04
C TYR A 218 -12.94 4.86 -12.72
N ALA A 219 -13.91 4.01 -13.04
CA ALA A 219 -13.64 2.71 -13.64
C ALA A 219 -13.07 2.85 -15.04
N GLU A 220 -13.56 3.82 -15.81
CA GLU A 220 -13.05 4.00 -17.17
C GLU A 220 -11.58 4.38 -17.15
N TRP A 221 -11.19 5.26 -16.22
CA TRP A 221 -9.79 5.58 -16.07
C TRP A 221 -8.98 4.38 -15.60
N ALA A 222 -9.51 3.60 -14.65
CA ALA A 222 -8.77 2.41 -14.21
C ALA A 222 -8.55 1.47 -15.37
N GLU A 223 -9.58 1.24 -16.19
N GLU A 223 -9.55 1.27 -16.21
CA GLU A 223 -9.43 0.40 -17.38
CA GLU A 223 -9.38 0.39 -17.35
C GLU A 223 -8.31 0.93 -18.27
C GLU A 223 -8.33 0.93 -18.32
N LYS A 224 -8.32 2.24 -18.53
CA LYS A 224 -7.34 2.85 -19.42
C LYS A 224 -5.93 2.67 -18.90
N ILE A 225 -5.73 2.86 -17.59
CA ILE A 225 -4.37 2.73 -17.06
C ILE A 225 -3.91 1.28 -17.07
N PHE A 226 -4.80 0.34 -16.72
CA PHE A 226 -4.42 -1.06 -16.78
C PHE A 226 -4.06 -1.45 -18.21
N ASP A 227 -4.85 -1.00 -19.17
CA ASP A 227 -4.58 -1.32 -20.56
C ASP A 227 -3.23 -0.76 -20.99
N TRP A 228 -2.88 0.42 -20.49
CA TRP A 228 -1.58 1.02 -20.77
C TRP A 228 -0.45 0.18 -20.19
N LEU A 229 -0.58 -0.23 -18.92
CA LEU A 229 0.44 -1.07 -18.29
C LEU A 229 0.63 -2.37 -19.06
N TYR A 230 -0.46 -2.94 -19.56
CA TYR A 230 -0.36 -4.15 -20.36
C TYR A 230 0.32 -3.85 -21.69
N ALA A 231 -0.13 -2.79 -22.38
CA ALA A 231 0.42 -2.49 -23.70
C ALA A 231 1.90 -2.17 -23.65
N VAL A 232 2.33 -1.37 -22.68
CA VAL A 232 3.74 -0.97 -22.58
C VAL A 232 4.60 -2.17 -22.21
N GLY A 233 4.00 -3.26 -21.73
CA GLY A 233 4.74 -4.46 -21.42
C GLY A 233 5.30 -4.51 -20.02
N TYR A 234 4.87 -3.62 -19.13
CA TYR A 234 5.26 -3.77 -17.74
C TYR A 234 4.58 -4.98 -17.12
N ILE A 235 3.43 -5.38 -17.64
CA ILE A 235 2.84 -6.68 -17.37
C ILE A 235 3.27 -7.61 -18.49
N ASP A 236 3.95 -8.70 -18.15
CA ASP A 236 4.42 -9.65 -19.15
C ASP A 236 3.22 -10.38 -19.74
N HIS A 237 3.07 -10.33 -21.07
CA HIS A 237 1.88 -10.90 -21.69
C HIS A 237 1.84 -12.41 -21.60
N GLU A 238 2.98 -13.06 -21.38
CA GLU A 238 3.01 -14.51 -21.29
C GLU A 238 2.94 -14.99 -19.85
N THR A 239 3.72 -14.38 -18.96
CA THR A 239 3.86 -14.90 -17.61
C THR A 239 3.09 -14.11 -16.58
N TRP A 240 2.64 -12.91 -16.91
CA TRP A 240 1.96 -12.01 -15.96
C TRP A 240 2.86 -11.59 -14.82
N ALA A 241 4.16 -11.76 -14.96
CA ALA A 241 5.11 -11.01 -14.13
C ALA A 241 4.86 -9.53 -14.31
N VAL A 242 5.21 -8.74 -13.29
CA VAL A 242 5.01 -7.30 -13.29
C VAL A 242 6.34 -6.62 -13.02
N TYR A 243 6.87 -5.97 -14.06
CA TYR A 243 8.18 -5.35 -14.05
C TYR A 243 8.08 -3.95 -13.47
N ASP A 244 9.22 -3.26 -13.35
CA ASP A 244 9.28 -2.04 -12.57
C ASP A 244 8.96 -0.76 -13.35
N GLY A 245 9.38 -0.64 -14.60
CA GLY A 245 9.19 0.61 -15.31
C GLY A 245 10.11 0.72 -16.51
N GLY A 246 10.10 1.90 -17.11
CA GLY A 246 10.91 2.24 -18.26
C GLY A 246 10.99 3.75 -18.38
N HIS A 247 11.89 4.23 -19.23
CA HIS A 247 12.15 5.66 -19.32
C HIS A 247 11.62 6.26 -20.61
N VAL A 248 11.15 7.51 -20.50
CA VAL A 248 10.52 8.15 -21.66
C VAL A 248 11.48 8.33 -22.81
N GLU A 249 12.77 8.56 -22.55
CA GLU A 249 13.72 8.79 -23.63
C GLU A 249 13.90 7.55 -24.50
N HIS A 250 13.51 6.38 -24.01
CA HIS A 250 13.56 5.14 -24.77
C HIS A 250 12.17 4.66 -25.12
N ASN A 251 11.17 5.54 -25.10
CA ASN A 251 9.78 5.15 -25.36
C ASN A 251 9.34 4.05 -24.41
N CYS A 252 9.91 4.04 -23.21
CA CYS A 252 9.58 3.07 -22.15
C CYS A 252 9.98 1.64 -22.51
N THR A 253 10.83 1.45 -23.53
CA THR A 253 11.22 0.11 -23.97
C THR A 253 12.38 -0.48 -23.18
N ASP A 254 13.10 0.34 -22.41
CA ASP A 254 14.21 -0.13 -21.60
C ASP A 254 13.66 -0.65 -20.28
N ILE A 255 12.82 -1.69 -20.37
CA ILE A 255 12.11 -2.15 -19.20
C ILE A 255 13.09 -2.62 -18.13
N ASN A 256 12.95 -2.09 -16.93
CA ASN A 256 13.61 -2.57 -15.74
C ASN A 256 12.81 -3.75 -15.23
N ARG A 257 13.34 -4.96 -15.42
CA ARG A 257 12.60 -6.18 -15.16
C ARG A 257 12.69 -6.64 -13.70
N ALA A 258 13.17 -5.79 -12.80
CA ALA A 258 13.04 -6.09 -11.37
C ALA A 258 11.57 -6.28 -11.04
N GLN A 259 11.28 -7.33 -10.27
CA GLN A 259 9.93 -7.70 -9.88
C GLN A 259 9.80 -7.49 -8.38
N PHE A 260 9.24 -6.34 -8.00
CA PHE A 260 8.94 -6.07 -6.60
C PHE A 260 7.54 -6.55 -6.27
N SER A 261 7.40 -7.17 -5.10
CA SER A 261 6.16 -7.86 -4.76
C SER A 261 4.96 -6.91 -4.77
N TYR A 262 5.15 -5.68 -4.30
CA TYR A 262 4.04 -4.76 -4.16
C TYR A 262 3.47 -4.32 -5.50
N ASN A 263 4.24 -4.40 -6.58
CA ASN A 263 3.70 -4.01 -7.89
C ASN A 263 2.68 -5.02 -8.37
N ALA A 264 3.05 -6.30 -8.41
CA ALA A 264 2.09 -7.33 -8.81
C ALA A 264 0.92 -7.37 -7.85
N ALA A 265 1.17 -7.27 -6.55
CA ALA A 265 0.08 -7.38 -5.59
C ALA A 265 -0.90 -6.21 -5.70
N LEU A 266 -0.40 -5.00 -5.97
CA LEU A 266 -1.30 -3.86 -6.10
C LEU A 266 -2.16 -4.00 -7.35
N LEU A 267 -1.57 -4.48 -8.45
CA LEU A 267 -2.39 -4.71 -9.64
C LEU A 267 -3.44 -5.80 -9.39
N LEU A 268 -3.06 -6.87 -8.66
CA LEU A 268 -4.04 -7.89 -8.31
C LEU A 268 -5.19 -7.26 -7.51
N HIS A 269 -4.84 -6.45 -6.52
CA HIS A 269 -5.85 -5.81 -5.67
C HIS A 269 -6.80 -4.96 -6.49
N GLY A 270 -6.26 -4.07 -7.33
CA GLY A 270 -7.14 -3.25 -8.16
C GLY A 270 -7.96 -4.07 -9.13
N ALA A 271 -7.36 -5.10 -9.72
CA ALA A 271 -8.09 -5.97 -10.63
C ALA A 271 -9.25 -6.67 -9.91
N ALA A 272 -9.05 -7.05 -8.65
CA ALA A 272 -10.13 -7.67 -7.89
C ALA A 272 -11.28 -6.69 -7.67
N PHE A 273 -10.96 -5.43 -7.36
CA PHE A 273 -12.01 -4.42 -7.25
C PHE A 273 -12.74 -4.23 -8.57
N MET A 274 -12.01 -4.26 -9.70
CA MET A 274 -12.66 -4.13 -10.99
C MET A 274 -13.53 -5.35 -11.30
N TRP A 275 -13.06 -6.55 -10.98
CA TRP A 275 -13.89 -7.75 -11.14
C TRP A 275 -15.17 -7.63 -10.33
N ASN A 276 -15.05 -7.21 -9.08
CA ASN A 276 -16.22 -7.12 -8.21
C ASN A 276 -17.20 -6.08 -8.74
N TYR A 277 -16.68 -4.95 -9.22
CA TYR A 277 -17.53 -3.87 -9.71
C TYR A 277 -18.17 -4.22 -11.05
N THR A 278 -17.36 -4.71 -12.00
CA THR A 278 -17.86 -4.89 -13.35
C THR A 278 -18.48 -6.26 -13.60
N GLU A 279 -18.05 -7.28 -12.88
CA GLU A 279 -18.43 -8.67 -13.18
C GLU A 279 -18.08 -9.07 -14.61
N ASP A 280 -17.06 -8.45 -15.18
CA ASP A 280 -16.61 -8.74 -16.53
C ASP A 280 -15.56 -9.83 -16.46
N GLN A 281 -15.77 -10.90 -17.21
CA GLN A 281 -14.83 -12.01 -17.22
C GLN A 281 -13.40 -11.57 -17.53
N LYS A 282 -13.20 -10.50 -18.30
CA LYS A 282 -11.83 -10.09 -18.56
C LYS A 282 -11.11 -9.76 -17.26
N TRP A 283 -11.82 -9.18 -16.29
CA TRP A 283 -11.20 -8.85 -15.02
C TRP A 283 -10.98 -10.08 -14.15
N LYS A 284 -11.90 -11.06 -14.19
N LYS A 284 -11.91 -11.05 -14.18
CA LYS A 284 -11.66 -12.31 -13.50
CA LYS A 284 -11.65 -12.31 -13.49
C LYS A 284 -10.40 -12.98 -14.03
C LYS A 284 -10.38 -12.94 -14.03
N ASP A 285 -10.22 -12.96 -15.36
CA ASP A 285 -9.04 -13.56 -15.95
C ASP A 285 -7.78 -12.84 -15.51
N ARG A 286 -7.82 -11.50 -15.43
CA ARG A 286 -6.67 -10.74 -14.99
C ARG A 286 -6.34 -11.02 -13.52
N VAL A 287 -7.38 -11.12 -12.67
CA VAL A 287 -7.15 -11.54 -11.28
C VAL A 287 -6.44 -12.89 -11.25
N ASP A 288 -6.98 -13.86 -11.98
CA ASP A 288 -6.44 -15.22 -11.92
C ASP A 288 -5.01 -15.27 -12.44
N ASN A 289 -4.72 -14.55 -13.53
CA ASN A 289 -3.39 -14.57 -14.11
C ASN A 289 -2.38 -13.84 -13.24
N LEU A 290 -2.76 -12.69 -12.69
CA LEU A 290 -1.86 -11.99 -11.79
C LEU A 290 -1.58 -12.84 -10.55
N LEU A 291 -2.61 -13.50 -10.02
CA LEU A 291 -2.45 -14.33 -8.83
C LEU A 291 -1.54 -15.52 -9.12
N THR A 292 -1.74 -16.19 -10.25
CA THR A 292 -0.82 -17.28 -10.62
C THR A 292 0.62 -16.78 -10.62
N GLY A 293 0.84 -15.60 -11.20
CA GLY A 293 2.19 -15.09 -11.26
C GLY A 293 2.75 -14.79 -9.90
N ILE A 294 1.94 -14.18 -9.02
CA ILE A 294 2.41 -13.84 -7.68
C ILE A 294 2.78 -15.08 -6.90
N LEU A 295 1.93 -16.11 -6.95
CA LEU A 295 2.24 -17.34 -6.22
C LEU A 295 3.52 -17.97 -6.76
N ARG A 296 3.71 -17.95 -8.07
CA ARG A 296 4.90 -18.51 -8.69
C ARG A 296 6.15 -17.72 -8.31
N ASP A 297 6.06 -16.40 -8.31
CA ASP A 297 7.27 -15.58 -8.25
C ASP A 297 7.67 -15.20 -6.83
N PHE A 298 6.71 -14.93 -5.96
CA PHE A 298 6.98 -14.34 -4.66
C PHE A 298 6.79 -15.29 -3.50
N PHE A 299 6.14 -16.42 -3.68
CA PHE A 299 5.92 -17.33 -2.56
C PHE A 299 6.82 -18.54 -2.75
N LYS A 300 7.66 -18.76 -1.77
CA LYS A 300 8.65 -19.84 -1.81
C LYS A 300 8.31 -20.83 -0.72
N ASP A 301 7.79 -21.99 -1.13
CA ASP A 301 7.32 -22.99 -0.16
C ASP A 301 6.36 -22.34 0.82
N GLY A 302 5.51 -21.46 0.33
CA GLY A 302 4.51 -20.87 1.17
C GLY A 302 4.87 -19.60 1.90
N VAL A 303 6.03 -18.99 1.62
CA VAL A 303 6.47 -17.80 2.35
C VAL A 303 6.79 -16.68 1.36
N VAL A 304 6.27 -15.49 1.62
N VAL A 304 6.25 -15.49 1.62
CA VAL A 304 6.54 -14.36 0.74
CA VAL A 304 6.56 -14.32 0.81
C VAL A 304 8.03 -14.01 0.80
C VAL A 304 8.07 -14.14 0.75
N PHE A 305 8.58 -13.64 -0.36
CA PHE A 305 10.02 -13.42 -0.50
C PHE A 305 10.24 -12.30 -1.49
N GLU A 306 11.03 -11.31 -1.08
CA GLU A 306 11.24 -10.11 -1.90
C GLU A 306 12.37 -10.37 -2.90
N ILE A 307 12.00 -10.97 -4.03
CA ILE A 307 13.01 -11.54 -4.91
C ILE A 307 14.09 -10.58 -5.40
N PRO A 308 13.87 -9.26 -5.59
CA PRO A 308 14.98 -8.44 -6.07
C PRO A 308 16.10 -8.24 -5.06
N CYS A 309 15.84 -8.48 -3.77
CA CYS A 309 16.84 -8.11 -2.77
C CYS A 309 17.03 -9.11 -1.64
N GLU A 310 16.05 -9.96 -1.34
CA GLU A 310 16.09 -10.73 -0.09
C GLU A 310 17.09 -11.86 -0.13
N GLY A 311 17.53 -12.28 -1.31
CA GLY A 311 18.45 -13.39 -1.42
C GLY A 311 19.80 -13.13 -0.82
N ARG A 312 20.14 -11.88 -0.58
CA ARG A 312 21.31 -11.65 0.24
C ARG A 312 21.09 -10.50 1.19
N GLN A 313 21.54 -10.70 2.42
CA GLN A 313 21.35 -9.69 3.41
C GLN A 313 22.09 -8.43 3.04
N GLY A 314 21.51 -7.30 3.43
CA GLY A 314 22.13 -6.03 3.21
C GLY A 314 21.75 -5.35 1.92
N ALA A 315 20.85 -5.93 1.12
CA ALA A 315 20.48 -5.33 -0.16
C ALA A 315 19.13 -4.62 -0.14
N CYS A 316 18.21 -5.00 0.72
CA CYS A 316 16.89 -4.40 0.68
C CYS A 316 16.90 -3.01 1.31
N THR A 317 16.29 -2.05 0.63
CA THR A 317 16.18 -0.70 1.15
C THR A 317 15.01 -0.58 2.12
N ALA A 318 14.95 0.55 2.84
CA ALA A 318 13.85 0.79 3.76
C ALA A 318 12.51 0.59 3.06
N ASP A 319 12.35 1.13 1.84
CA ASP A 319 11.08 0.95 1.17
C ASP A 319 10.76 -0.53 0.98
N MET A 320 11.75 -1.30 0.50
CA MET A 320 11.50 -2.70 0.14
C MET A 320 11.12 -3.55 1.35
N LEU A 321 11.57 -3.18 2.55
CA LEU A 321 11.26 -3.95 3.76
C LEU A 321 9.78 -3.90 4.11
N THR A 322 9.02 -2.97 3.53
CA THR A 322 7.60 -2.85 3.81
C THR A 322 6.74 -3.65 2.85
N PHE A 323 7.27 -4.08 1.72
CA PHE A 323 6.40 -4.55 0.66
C PHE A 323 5.60 -5.79 1.05
N LYS A 324 6.24 -6.75 1.73
CA LYS A 324 5.55 -8.01 2.01
C LYS A 324 4.36 -7.80 2.95
N GLY A 325 4.38 -6.75 3.77
CA GLY A 325 3.20 -6.43 4.57
C GLY A 325 2.02 -6.02 3.71
N TYR A 326 2.27 -5.19 2.69
CA TYR A 326 1.21 -4.83 1.75
CA TYR A 326 1.22 -4.83 1.75
C TYR A 326 0.70 -6.06 1.02
N VAL A 327 1.61 -6.95 0.60
CA VAL A 327 1.20 -8.16 -0.09
C VAL A 327 0.17 -8.92 0.75
N HIS A 328 0.48 -9.12 2.03
CA HIS A 328 -0.45 -9.83 2.91
C HIS A 328 -1.79 -9.11 3.02
N ARG A 329 -1.77 -7.82 3.33
CA ARG A 329 -3.01 -7.12 3.60
C ARG A 329 -3.86 -7.03 2.33
N TRP A 330 -3.23 -6.76 1.19
CA TRP A 330 -3.98 -6.60 -0.05
C TRP A 330 -4.50 -7.93 -0.55
N MET A 331 -3.68 -8.98 -0.50
CA MET A 331 -4.14 -10.30 -0.92
C MET A 331 -5.28 -10.80 -0.03
N ALA A 332 -5.23 -10.49 1.26
CA ALA A 332 -6.35 -10.86 2.13
C ALA A 332 -7.65 -10.20 1.66
N VAL A 333 -7.61 -8.91 1.34
CA VAL A 333 -8.82 -8.23 0.85
C VAL A 333 -9.30 -8.84 -0.45
N VAL A 334 -8.37 -9.26 -1.33
CA VAL A 334 -8.74 -9.92 -2.58
C VAL A 334 -9.67 -11.10 -2.31
N THR A 335 -9.43 -11.83 -1.20
CA THR A 335 -10.26 -12.99 -0.93
C THR A 335 -11.69 -12.61 -0.56
N GLN A 336 -11.92 -11.37 -0.13
CA GLN A 336 -13.25 -10.91 0.22
C GLN A 336 -14.01 -10.44 -1.00
N ILE A 337 -13.33 -9.73 -1.90
CA ILE A 337 -14.04 -9.15 -3.03
C ILE A 337 -13.95 -9.99 -4.28
N ALA A 338 -13.04 -10.97 -4.32
CA ALA A 338 -12.99 -11.99 -5.37
C ALA A 338 -12.97 -13.34 -4.68
N PRO A 339 -14.09 -13.74 -4.10
CA PRO A 339 -14.08 -14.91 -3.20
C PRO A 339 -13.64 -16.20 -3.85
N HIS A 340 -13.70 -16.34 -5.17
CA HIS A 340 -13.19 -17.55 -5.78
C HIS A 340 -11.70 -17.75 -5.58
N THR A 341 -10.97 -16.72 -5.15
CA THR A 341 -9.54 -16.81 -4.90
C THR A 341 -9.21 -17.29 -3.50
N LYS A 342 -10.21 -17.44 -2.63
CA LYS A 342 -9.94 -17.65 -1.20
C LYS A 342 -9.05 -18.87 -0.97
N ASP A 343 -9.35 -19.99 -1.63
CA ASP A 343 -8.60 -21.21 -1.32
C ASP A 343 -7.20 -21.21 -1.91
N ARG A 344 -6.92 -20.32 -2.87
CA ARG A 344 -5.57 -20.17 -3.38
C ARG A 344 -4.74 -19.25 -2.48
N ILE A 345 -5.37 -18.30 -1.81
CA ILE A 345 -4.66 -17.26 -1.09
C ILE A 345 -4.54 -17.55 0.39
N LEU A 346 -5.64 -17.85 1.07
CA LEU A 346 -5.57 -17.93 2.53
C LEU A 346 -4.58 -18.96 3.04
N PRO A 347 -4.47 -20.17 2.46
CA PRO A 347 -3.48 -21.11 3.02
C PRO A 347 -2.06 -20.61 2.89
N VAL A 348 -1.78 -19.87 1.83
N VAL A 348 -1.72 -19.88 1.82
CA VAL A 348 -0.44 -19.38 1.57
CA VAL A 348 -0.35 -19.41 1.67
C VAL A 348 -0.10 -18.20 2.47
C VAL A 348 -0.08 -18.20 2.56
N LEU A 349 -1.07 -17.31 2.73
CA LEU A 349 -0.85 -16.25 3.69
C LEU A 349 -0.62 -16.83 5.08
N ARG A 350 -1.29 -17.93 5.40
CA ARG A 350 -1.08 -18.57 6.69
C ARG A 350 0.36 -19.08 6.85
N THR A 351 0.87 -19.82 5.86
CA THR A 351 2.24 -20.32 5.99
C THR A 351 3.24 -19.17 6.00
N SER A 352 2.93 -18.10 5.28
CA SER A 352 3.85 -16.96 5.24
C SER A 352 3.87 -16.24 6.58
N ALA A 353 2.70 -16.06 7.19
CA ALA A 353 2.63 -15.45 8.52
C ALA A 353 3.26 -16.33 9.58
N GLU A 354 3.13 -17.66 9.46
CA GLU A 354 3.81 -18.55 10.39
C GLU A 354 5.32 -18.32 10.33
N ALA A 355 5.87 -18.20 9.11
CA ALA A 355 7.30 -17.92 9.01
C ALA A 355 7.64 -16.56 9.58
N ALA A 356 6.77 -15.56 9.36
CA ALA A 356 7.01 -14.24 9.95
C ALA A 356 7.16 -14.33 11.46
N VAL A 357 6.22 -14.99 12.14
CA VAL A 357 6.29 -15.01 13.59
C VAL A 357 7.41 -15.92 14.09
N LYS A 358 7.77 -16.97 13.34
CA LYS A 358 8.82 -17.85 13.80
C LYS A 358 10.14 -17.12 13.98
N GLN A 359 10.40 -16.07 13.21
CA GLN A 359 11.65 -15.34 13.34
C GLN A 359 11.52 -14.06 14.16
N CYS A 360 10.35 -13.77 14.74
CA CYS A 360 10.20 -12.64 15.64
C CYS A 360 10.61 -13.08 17.05
N VAL A 361 11.92 -13.26 17.22
CA VAL A 361 12.50 -13.79 18.45
C VAL A 361 13.75 -13.03 18.82
N GLY A 362 14.01 -11.90 18.18
CA GLY A 362 15.27 -11.21 18.38
C GLY A 362 15.42 -10.52 19.72
N PRO A 363 16.67 -10.37 20.16
CA PRO A 363 16.97 -9.55 21.32
C PRO A 363 16.72 -8.09 20.99
N PRO A 364 16.53 -7.24 22.00
CA PRO A 364 16.67 -7.51 23.43
C PRO A 364 15.38 -7.98 24.09
N THR A 365 14.30 -8.00 23.32
CA THR A 365 12.98 -8.25 23.86
C THR A 365 12.59 -9.71 23.81
N GLY A 366 13.26 -10.52 22.99
CA GLY A 366 12.84 -11.88 22.71
C GLY A 366 11.74 -11.99 21.70
N ARG A 367 11.32 -10.86 21.14
CA ARG A 367 10.24 -10.87 20.16
C ARG A 367 10.50 -9.89 19.01
N ARG A 368 11.70 -9.36 18.89
CA ARG A 368 11.98 -8.41 17.83
C ARG A 368 11.88 -9.11 16.47
N CYS A 369 11.29 -8.41 15.51
CA CYS A 369 11.05 -8.98 14.19
C CYS A 369 12.09 -8.54 13.16
N GLY A 370 12.58 -9.51 12.40
CA GLY A 370 13.36 -9.24 11.22
C GLY A 370 12.55 -9.46 9.95
N PHE A 371 13.28 -9.54 8.83
CA PHE A 371 12.71 -9.53 7.49
C PHE A 371 12.79 -10.87 6.79
N TYR A 372 13.74 -11.72 7.17
CA TYR A 372 14.13 -12.87 6.34
C TYR A 372 13.31 -14.09 6.78
N TRP A 373 12.00 -13.99 6.51
CA TRP A 373 11.06 -14.98 7.03
C TRP A 373 11.35 -16.37 6.47
N LYS A 374 11.56 -16.45 5.16
CA LYS A 374 11.82 -17.75 4.56
C LYS A 374 13.04 -18.42 5.16
N SER A 375 14.05 -17.64 5.55
CA SER A 375 15.27 -18.22 6.09
C SER A 375 15.03 -18.94 7.41
N GLY A 376 13.96 -18.60 8.13
CA GLY A 376 13.69 -19.25 9.40
C GLY A 376 14.46 -18.70 10.57
N LYS A 377 15.23 -17.65 10.39
CA LYS A 377 16.09 -17.15 11.45
C LYS A 377 15.92 -15.65 11.57
N PHE A 378 16.01 -15.16 12.81
CA PHE A 378 16.06 -13.73 13.05
C PHE A 378 17.37 -13.16 12.53
N VAL A 379 17.27 -12.09 11.76
CA VAL A 379 18.39 -11.29 11.29
C VAL A 379 18.17 -9.88 11.82
N ASP A 380 19.18 -9.30 12.45
CA ASP A 380 19.01 -7.97 13.01
C ASP A 380 18.74 -6.97 11.90
N PRO A 381 17.69 -6.15 12.01
CA PRO A 381 17.44 -5.11 11.00
C PRO A 381 18.61 -4.18 10.70
N SER A 382 19.58 -4.08 11.60
CA SER A 382 20.75 -3.27 11.31
C SER A 382 21.49 -3.76 10.05
N VAL A 383 21.32 -5.02 9.66
CA VAL A 383 22.00 -5.49 8.44
C VAL A 383 21.53 -4.71 7.23
N ASP A 384 20.28 -4.25 7.25
CA ASP A 384 19.71 -3.46 6.16
C ASP A 384 19.65 -1.98 6.52
N HIS A 385 20.37 -1.58 7.57
CA HIS A 385 20.65 -0.18 7.82
C HIS A 385 19.43 0.63 8.22
N THR A 386 18.47 0.00 8.89
CA THR A 386 17.39 0.75 9.51
C THR A 386 17.14 0.22 10.91
N SER A 387 16.32 0.96 11.66
CA SER A 387 15.94 0.54 13.00
C SER A 387 14.96 -0.62 13.00
N GLY A 388 14.34 -0.95 11.88
CA GLY A 388 13.46 -2.10 11.78
C GLY A 388 11.97 -1.82 11.73
N ALA A 389 11.56 -0.58 11.45
CA ALA A 389 10.14 -0.28 11.45
C ALA A 389 9.40 -0.99 10.32
N GLY A 390 10.03 -1.15 9.16
CA GLY A 390 9.33 -1.78 8.05
C GLY A 390 9.08 -3.25 8.31
N GLU A 391 10.05 -3.92 8.91
CA GLU A 391 9.90 -5.31 9.30
C GLU A 391 8.75 -5.45 10.30
N ALA A 392 8.74 -4.57 11.30
CA ALA A 392 7.68 -4.60 12.29
C ALA A 392 6.33 -4.36 11.65
N MET A 393 6.26 -3.42 10.72
N MET A 393 6.27 -3.43 10.69
CA MET A 393 5.02 -3.14 10.03
CA MET A 393 5.02 -3.13 10.03
C MET A 393 4.57 -4.36 9.26
C MET A 393 4.56 -4.31 9.18
N SER A 394 5.51 -5.01 8.56
CA SER A 394 5.14 -6.15 7.71
C SER A 394 4.62 -7.31 8.55
N VAL A 395 5.23 -7.59 9.70
CA VAL A 395 4.73 -8.68 10.53
C VAL A 395 3.35 -8.32 11.11
N LEU A 396 3.18 -7.08 11.57
CA LEU A 396 1.87 -6.65 12.05
C LEU A 396 0.81 -6.86 10.98
N ALA A 397 1.12 -6.47 9.75
CA ALA A 397 0.20 -6.63 8.63
C ALA A 397 -0.12 -8.10 8.39
N ALA A 398 0.90 -8.95 8.37
CA ALA A 398 0.68 -10.35 8.08
C ALA A 398 -0.15 -11.02 9.15
N VAL A 399 0.15 -10.76 10.43
CA VAL A 399 -0.57 -11.41 11.49
C VAL A 399 -2.01 -10.90 11.58
N SER A 400 -2.19 -9.57 11.53
N SER A 400 -2.20 -9.59 11.52
CA SER A 400 -3.53 -9.02 11.57
CA SER A 400 -3.56 -9.07 11.63
C SER A 400 -4.41 -9.63 10.50
C SER A 400 -4.44 -9.52 10.48
N SER A 401 -3.86 -9.72 9.28
CA SER A 401 -4.65 -10.17 8.14
C SER A 401 -5.03 -11.64 8.22
N LEU A 402 -4.47 -12.40 9.16
CA LEU A 402 -4.97 -13.74 9.43
C LEU A 402 -6.42 -13.72 9.90
N LEU A 403 -6.92 -12.56 10.33
CA LEU A 403 -8.29 -12.43 10.81
C LEU A 403 -9.27 -12.03 9.70
N ILE A 404 -8.84 -12.07 8.44
CA ILE A 404 -9.68 -11.55 7.35
C ILE A 404 -11.02 -12.27 7.28
N GLU A 405 -11.08 -13.57 7.58
CA GLU A 405 -12.33 -14.30 7.44
C GLU A 405 -13.39 -13.78 8.39
N TYR A 406 -13.00 -13.11 9.48
CA TYR A 406 -13.94 -12.58 10.45
C TYR A 406 -14.29 -11.13 10.19
N ALA A 407 -13.62 -10.49 9.25
CA ALA A 407 -13.77 -9.06 9.02
C ALA A 407 -14.86 -8.80 8.00
N GLU A 408 -15.46 -7.62 8.11
CA GLU A 408 -16.36 -7.15 7.08
C GLU A 408 -15.58 -6.87 5.79
N PRO A 409 -16.20 -7.07 4.64
CA PRO A 409 -15.57 -6.66 3.39
C PRO A 409 -15.56 -5.15 3.29
N PRO A 410 -14.78 -4.60 2.37
CA PRO A 410 -14.79 -3.15 2.17
C PRO A 410 -16.21 -2.65 1.96
N ALA A 411 -16.55 -1.56 2.65
CA ALA A 411 -17.85 -0.93 2.48
C ALA A 411 -17.90 -0.18 1.16
N THR A 412 -19.12 0.02 0.67
CA THR A 412 -19.39 0.98 -0.39
C THR A 412 -20.17 2.15 0.20
N ASN A 413 -20.60 3.07 -0.67
CA ASN A 413 -21.45 4.15 -0.20
C ASN A 413 -22.79 3.65 0.33
N GLU A 414 -23.15 2.37 0.14
CA GLU A 414 -24.39 1.87 0.69
C GLU A 414 -24.34 1.82 2.22
N THR A 415 -23.19 1.48 2.78
CA THR A 415 -23.04 1.35 4.23
C THR A 415 -21.93 2.20 4.83
N GLY A 416 -21.09 2.82 4.01
CA GLY A 416 -20.02 3.63 4.54
C GLY A 416 -20.55 4.88 5.22
N ILE A 417 -19.66 5.51 6.00
CA ILE A 417 -20.00 6.71 6.75
C ILE A 417 -19.21 7.93 6.29
N SER A 418 -18.27 7.79 5.37
CA SER A 418 -17.50 8.94 4.92
C SER A 418 -18.34 9.76 3.95
N ARG A 419 -17.77 10.89 3.54
CA ARG A 419 -18.39 11.84 2.63
C ARG A 419 -17.35 12.26 1.61
N GLY A 420 -17.80 12.45 0.37
CA GLY A 420 -16.94 12.90 -0.71
C GLY A 420 -17.02 14.41 -0.95
N ASP A 421 -16.42 14.83 -2.04
CA ASP A 421 -16.34 16.25 -2.39
C ASP A 421 -16.24 16.31 -3.91
N PRO A 422 -17.22 16.90 -4.60
CA PRO A 422 -17.15 16.93 -6.07
C PRO A 422 -16.02 17.77 -6.59
N ASN A 423 -15.45 18.63 -5.75
CA ASN A 423 -14.33 19.46 -6.14
C ASN A 423 -13.04 19.04 -5.46
N ALA A 424 -12.97 17.80 -4.98
CA ALA A 424 -11.73 17.29 -4.45
C ALA A 424 -10.64 17.41 -5.50
N GLY A 425 -9.50 17.95 -5.11
CA GLY A 425 -8.40 18.14 -6.05
C GLY A 425 -8.53 19.30 -7.00
N MET A 426 -9.59 20.11 -6.90
CA MET A 426 -9.85 21.17 -7.86
C MET A 426 -9.76 22.55 -7.25
N ARG A 427 -9.07 22.71 -6.13
CA ARG A 427 -9.00 24.03 -5.55
C ARG A 427 -8.20 24.96 -6.42
N SER A 428 -8.54 26.25 -6.32
CA SER A 428 -7.95 27.23 -7.21
C SER A 428 -6.47 27.45 -6.90
N ARG A 429 -6.05 27.15 -5.67
CA ARG A 429 -4.64 27.19 -5.27
C ARG A 429 -3.96 25.84 -5.42
N GLY A 430 -4.65 24.84 -5.96
CA GLY A 430 -4.04 23.54 -6.20
C GLY A 430 -2.80 23.64 -7.06
N ALA A 431 -1.85 22.74 -6.80
CA ALA A 431 -0.56 22.82 -7.48
C ALA A 431 -0.68 22.69 -9.00
N ALA A 432 -1.71 21.99 -9.50
CA ALA A 432 -1.85 21.85 -10.95
C ALA A 432 -2.02 23.20 -11.63
N GLN A 433 -2.56 24.20 -10.91
CA GLN A 433 -2.77 25.53 -11.45
C GLN A 433 -1.50 26.34 -11.61
N HIS A 434 -0.37 25.89 -11.08
CA HIS A 434 0.88 26.59 -11.40
C HIS A 434 1.95 25.62 -11.88
N PHE A 435 1.51 24.56 -12.54
CA PHE A 435 2.43 23.58 -13.08
C PHE A 435 3.24 24.18 -14.22
C2 BGC B . 14.51 12.15 -2.71
C3 BGC B . 14.61 10.67 -2.86
C4 BGC B . 15.95 10.22 -3.39
C5 BGC B . 17.12 10.90 -2.68
C6 BGC B . 18.40 10.60 -3.37
C1 BGC B . 15.70 12.78 -2.00
O1 BGC B . 15.65 14.14 -2.06
O2 BGC B . 13.35 12.49 -1.90
O3 BGC B . 13.73 10.22 -3.82
O4 BGC B . 16.13 8.81 -3.17
O5 BGC B . 16.98 12.36 -2.64
O6 BGC B . 19.42 11.32 -2.69
H2 BGC B . 14.43 12.51 -3.61
H3 BGC B . 14.48 10.27 -1.99
H4 BGC B . 15.93 10.42 -4.33
H5 BGC B . 17.13 10.52 -1.78
H61 BGC B . 18.35 10.90 -4.30
H62 BGC B . 18.59 9.65 -3.35
H1 BGC B . 15.65 12.51 -1.07
HO1 BGC B . 16.26 14.46 -1.56
HO2 BGC B . 12.90 13.09 -2.30
HO4 BGC B . 15.54 8.38 -3.59
HO6 BGC B . 19.92 10.77 -2.29
C2 BGC B . 11.42 9.78 -4.32
C3 BGC B . 10.22 9.25 -3.66
C4 BGC B . 10.47 7.86 -3.13
C5 BGC B . 11.51 7.94 -2.01
C6 BGC B . 11.65 6.61 -1.35
C1 BGC B . 12.55 9.80 -3.27
O2 BGC B . 11.22 11.13 -4.78
O3 BGC B . 9.09 9.07 -4.53
O4 BGC B . 9.24 7.29 -2.75
O5 BGC B . 12.75 8.44 -2.64
O6 BGC B . 12.40 5.77 -2.16
H2 BGC B . 11.63 9.25 -5.11
H3 BGC B . 10.00 9.91 -2.98
H4 BGC B . 10.82 7.25 -3.79
H5 BGC B . 11.25 8.51 -1.27
H61 BGC B . 10.77 6.23 -1.21
H62 BGC B . 12.10 6.73 -0.50
H1 BGC B . 12.31 10.46 -2.61
HO2 BGC B . 11.87 11.36 -5.27
HO3 BGC B . 9.10 9.68 -5.13
HO4 BGC B . 8.60 7.71 -3.13
HO6 BGC B . 13.22 5.75 -1.89
CA CA C . 19.90 4.19 8.46
C1 PGE D . -19.05 11.58 -3.66
O1 PGE D . -19.40 10.66 -4.69
C2 PGE D . -18.93 12.99 -4.21
O2 PGE D . -20.20 13.55 -4.59
C3 PGE D . -20.21 14.60 -5.58
C4 PGE D . -21.58 14.93 -6.19
O4 PGE D . -22.58 18.11 -4.00
C6 PGE D . -22.60 18.34 -5.41
C5 PGE D . -22.80 17.09 -6.27
O3 PGE D . -21.66 16.31 -6.62
H1 PGE D . -19.80 11.60 -2.86
H12 PGE D . -18.08 11.32 -3.22
HO1 PGE D . -19.62 9.82 -4.25
H2 PGE D . -18.25 12.97 -5.09
H22 PGE D . -18.45 13.62 -3.44
H3 PGE D . -19.81 15.52 -5.14
H32 PGE D . -19.56 14.31 -6.42
H4 PGE D . -21.78 14.26 -7.04
H42 PGE D . -22.37 14.74 -5.43
HO4 PGE D . -22.41 18.95 -3.55
H6 PGE D . -21.65 18.80 -5.73
H62 PGE D . -23.42 19.04 -5.67
H5 PGE D . -23.30 17.42 -7.19
H52 PGE D . -23.50 16.45 -5.71
#